data_7BFS
#
_entry.id   7BFS
#
_entity_poly.entity_id   1
_entity_poly.type   'polydeoxyribonucleotide'
_entity_poly.pdbx_seq_one_letter_code
;(DA)(DG)(DC)(DA)(DA)(DT)(DC)(DC)(XC)(XC)(XC)(XC)(DG)(DG)(DA)(DT)(DT)(DG)(DC)(DT)
;
_entity_poly.pdbx_strand_id   A
#